data_7UAD
#
_entry.id   7UAD
#
_cell.length_a   73.65
_cell.length_b   142.78
_cell.length_c   77.95
_cell.angle_alpha   90
_cell.angle_beta   90
_cell.angle_gamma   90
#
_symmetry.space_group_name_H-M   'C 2 2 21'
#
loop_
_entity.id
_entity.type
_entity.pdbx_description
1 polymer 'Tyrosine-protein phosphatase non-receptor type 2'
2 non-polymer 5-{(7R)-1-fluoro-3-hydroxy-7-[(3-methylbutyl)amino]-5,6,7,8-tetrahydronaphthalen-2-yl}-1lambda~6~,2,5-thiadiazolidine-1,1,3-trione
3 water water
#
_entity_poly.entity_id   1
_entity_poly.type   'polypeptide(L)'
_entity_poly.pdbx_seq_one_letter_code
;MAMPTTIEREFEELDTQRRWQPLYLEIRNESHDYPHRVAKFPENRNRNRYRDVSPYDHSRVKLQNAENDYINASLVDIEE
AQRSYILTQGPLPNTCCHFWLMVWQQKTKAVVMLNRIVEKESVKCAQYWPTDDQEMLFKETGFSVKLLSEDVKSYYTVHL
LQLENINSGETRTISHFHYTTWPDFGVPESPASFLNFLFKVRESGSLNPDHGPAVIHCSAGIGRSGTFSLVDTCLVLMEK
GDDINIKQVLLNMRKYRMGLIQTPDQLRFSYMAIIEGAKCIKGDSSIQKRWKELSKEDLSPAFDHSPNKIMTEKYNHHHH
HHHH
;
_entity_poly.pdbx_strand_id   A
#
loop_
_chem_comp.id
_chem_comp.type
_chem_comp.name
_chem_comp.formula
M5R non-polymer 5-{(7R)-1-fluoro-3-hydroxy-7-[(3-methylbutyl)amino]-5,6,7,8-tetrahydronaphthalen-2-yl}-1lambda~6~,2,5-thiadiazolidine-1,1,3-trione 'C17 H24 F N3 O4 S'
#
# COMPACT_ATOMS: atom_id res chain seq x y z
N MET A 3 -23.95 22.09 7.73
CA MET A 3 -23.01 22.75 8.65
C MET A 3 -21.57 22.22 8.45
N PRO A 4 -20.52 23.00 8.81
CA PRO A 4 -19.16 22.45 8.71
C PRO A 4 -19.03 21.24 9.62
N THR A 5 -18.73 20.10 9.02
CA THR A 5 -18.54 18.81 9.68
C THR A 5 -17.37 18.92 10.70
N THR A 6 -17.29 18.00 11.66
CA THR A 6 -16.23 17.99 12.68
C THR A 6 -14.81 17.88 12.08
N ILE A 7 -14.63 17.04 11.05
CA ILE A 7 -13.34 16.91 10.37
C ILE A 7 -13.00 18.19 9.62
N GLU A 8 -14.01 18.84 8.99
CA GLU A 8 -13.85 20.12 8.29
C GLU A 8 -13.37 21.22 9.25
N ARG A 9 -13.95 21.26 10.46
CA ARG A 9 -13.52 22.23 11.46
C ARG A 9 -12.14 21.92 11.99
N GLU A 10 -11.82 20.64 12.19
CA GLU A 10 -10.50 20.22 12.65
C GLU A 10 -9.43 20.63 11.61
N PHE A 11 -9.77 20.47 10.31
CA PHE A 11 -8.93 20.83 9.17
C PHE A 11 -8.72 22.33 9.10
N GLU A 12 -9.79 23.11 9.26
CA GLU A 12 -9.77 24.56 9.25
C GLU A 12 -8.91 25.06 10.40
N GLU A 13 -9.07 24.46 11.59
CA GLU A 13 -8.27 24.81 12.77
C GLU A 13 -6.79 24.55 12.52
N LEU A 14 -6.42 23.38 11.96
CA LEU A 14 -5.04 23.06 11.69
C LEU A 14 -4.46 23.97 10.61
N ASP A 15 -5.25 24.29 9.59
CA ASP A 15 -4.81 25.15 8.48
C ASP A 15 -4.57 26.62 8.90
N THR A 16 -5.55 27.26 9.57
CA THR A 16 -5.39 28.65 9.99
C THR A 16 -4.34 28.78 11.10
N GLN A 17 -4.29 27.83 12.04
CA GLN A 17 -3.29 27.86 13.10
C GLN A 17 -1.90 27.34 12.66
N ARG A 18 -1.77 26.87 11.40
CA ARG A 18 -0.53 26.35 10.81
C ARG A 18 0.05 25.19 11.64
N ARG A 19 -0.81 24.28 12.12
CA ARG A 19 -0.35 23.19 12.98
C ARG A 19 -0.23 21.81 12.29
N TRP A 20 0.31 21.74 11.06
CA TRP A 20 0.48 20.45 10.38
C TRP A 20 1.79 19.78 10.76
N GLN A 21 2.93 20.50 10.64
CA GLN A 21 4.26 20.01 11.05
C GLN A 21 4.30 19.61 12.55
N PRO A 22 3.69 20.38 13.49
CA PRO A 22 3.65 19.93 14.90
C PRO A 22 2.74 18.71 15.11
N LEU A 23 1.61 18.61 14.39
CA LEU A 23 0.73 17.44 14.53
C LEU A 23 1.44 16.17 14.00
N TYR A 24 2.22 16.31 12.92
CA TYR A 24 2.94 15.19 12.36
C TYR A 24 4.00 14.71 13.34
N LEU A 25 4.71 15.65 13.97
CA LEU A 25 5.71 15.39 15.00
C LEU A 25 5.09 14.75 16.24
N GLU A 26 3.82 15.10 16.57
CA GLU A 26 3.09 14.50 17.68
C GLU A 26 2.87 13.03 17.35
N ILE A 27 2.40 12.73 16.12
CA ILE A 27 2.18 11.35 15.66
C ILE A 27 3.49 10.56 15.71
N ARG A 28 4.58 11.14 15.19
CA ARG A 28 5.89 10.50 15.21
C ARG A 28 6.37 10.12 16.63
N ASN A 29 6.16 11.02 17.62
CA ASN A 29 6.58 10.75 19.00
C ASN A 29 5.63 9.82 19.75
N GLU A 30 4.34 9.81 19.36
CA GLU A 30 3.34 8.93 20.00
C GLU A 30 3.27 7.51 19.40
N SER A 31 4.01 7.24 18.32
CA SER A 31 3.98 5.93 17.68
C SER A 31 4.98 4.99 18.37
N HIS A 32 4.48 3.89 18.94
CA HIS A 32 5.35 2.97 19.67
C HIS A 32 6.11 2.05 18.76
N ASP A 33 7.37 1.74 19.12
CA ASP A 33 8.17 0.82 18.33
C ASP A 33 7.81 -0.63 18.71
N TYR A 34 7.83 -1.53 17.73
CA TYR A 34 7.54 -2.95 17.97
C TYR A 34 8.70 -3.79 17.45
N PRO A 35 8.95 -4.99 18.03
CA PRO A 35 10.10 -5.78 17.57
C PRO A 35 10.00 -6.20 16.11
N HIS A 36 11.14 -6.19 15.44
CA HIS A 36 11.29 -6.55 14.05
C HIS A 36 12.64 -7.25 13.92
N ARG A 37 12.84 -8.29 14.73
CA ARG A 37 14.04 -9.10 14.78
C ARG A 37 14.21 -9.93 13.53
N VAL A 38 13.13 -10.53 13.00
CA VAL A 38 13.23 -11.36 11.78
C VAL A 38 13.74 -10.57 10.58
N ALA A 39 13.27 -9.33 10.38
CA ALA A 39 13.73 -8.50 9.26
C ALA A 39 15.24 -8.24 9.31
N LYS A 40 15.77 -8.12 10.54
CA LYS A 40 17.16 -7.87 10.80
C LYS A 40 18.06 -9.11 10.82
N PHE A 41 17.53 -10.33 10.55
CA PHE A 41 18.39 -11.53 10.49
C PHE A 41 19.38 -11.37 9.35
N PRO A 42 20.64 -11.74 9.55
CA PRO A 42 21.64 -11.59 8.46
C PRO A 42 21.26 -12.22 7.13
N GLU A 43 20.44 -13.29 7.16
CA GLU A 43 19.99 -13.98 5.95
C GLU A 43 18.95 -13.16 5.12
N ASN A 44 18.30 -12.18 5.75
CA ASN A 44 17.30 -11.33 5.11
C ASN A 44 17.81 -9.95 4.71
N ARG A 45 19.12 -9.67 4.82
CA ARG A 45 19.68 -8.38 4.48
C ARG A 45 19.40 -8.01 3.01
N ASN A 46 19.64 -8.93 2.06
CA ASN A 46 19.33 -8.73 0.63
C ASN A 46 17.80 -8.75 0.28
N ARG A 47 16.93 -9.04 1.24
CA ARG A 47 15.47 -9.04 1.03
C ARG A 47 14.81 -7.70 1.44
N ASN A 48 15.61 -6.74 1.96
CA ASN A 48 15.10 -5.44 2.39
C ASN A 48 15.64 -4.38 1.47
N ARG A 49 14.78 -3.46 1.08
CA ARG A 49 15.17 -2.39 0.18
C ARG A 49 15.78 -1.22 0.98
N TYR A 50 15.23 -0.94 2.16
CA TYR A 50 15.72 0.13 3.00
C TYR A 50 16.00 -0.42 4.39
N ARG A 51 17.22 -0.19 4.90
CA ARG A 51 17.62 -0.65 6.23
C ARG A 51 16.78 -0.09 7.34
N ASP A 52 16.21 1.10 7.15
CA ASP A 52 15.37 1.70 8.15
C ASP A 52 13.86 1.37 8.00
N VAL A 53 13.47 0.56 6.98
CA VAL A 53 12.05 0.16 6.82
C VAL A 53 11.96 -1.36 6.98
N SER A 54 11.32 -1.81 8.07
CA SER A 54 11.20 -3.22 8.37
C SER A 54 9.80 -3.56 8.81
N PRO A 55 9.29 -4.74 8.44
CA PRO A 55 7.99 -5.15 8.95
C PRO A 55 8.15 -5.64 10.42
N TYR A 56 7.13 -5.44 11.26
CA TYR A 56 7.13 -5.93 12.64
C TYR A 56 6.92 -7.44 12.65
N ASP A 57 7.49 -8.12 13.65
CA ASP A 57 7.38 -9.56 13.81
C ASP A 57 5.96 -10.04 14.03
N HIS A 58 5.16 -9.25 14.76
CA HIS A 58 3.78 -9.64 15.02
C HIS A 58 2.81 -9.46 13.82
N SER A 59 3.20 -8.71 12.77
CA SER A 59 2.29 -8.48 11.65
C SER A 59 2.90 -8.73 10.24
N ARG A 60 4.14 -9.24 10.19
CA ARG A 60 4.77 -9.55 8.92
C ARG A 60 4.00 -10.66 8.17
N VAL A 61 4.04 -10.63 6.83
CA VAL A 61 3.40 -11.67 6.04
C VAL A 61 4.45 -12.75 5.82
N LYS A 62 4.11 -14.01 6.15
CA LYS A 62 5.04 -15.12 6.00
C LYS A 62 4.76 -15.82 4.68
N LEU A 63 5.81 -16.20 3.99
CA LEU A 63 5.71 -17.00 2.79
C LEU A 63 5.51 -18.43 3.31
N GLN A 64 4.42 -19.09 2.96
CA GLN A 64 4.12 -20.45 3.39
C GLN A 64 4.98 -21.48 2.62
N ASN A 65 5.40 -22.55 3.31
CA ASN A 65 6.19 -23.67 2.77
C ASN A 65 7.49 -23.26 2.08
N ALA A 66 8.15 -22.23 2.63
CA ALA A 66 9.40 -21.73 2.10
C ALA A 66 10.51 -21.96 3.13
N GLU A 67 11.76 -22.17 2.68
CA GLU A 67 12.89 -22.35 3.61
C GLU A 67 13.03 -21.08 4.45
N ASN A 68 13.02 -19.94 3.78
CA ASN A 68 13.07 -18.62 4.37
C ASN A 68 11.71 -18.00 4.09
N ASP A 69 10.87 -17.87 5.12
CA ASP A 69 9.52 -17.34 4.95
C ASP A 69 9.43 -15.81 4.99
N TYR A 70 10.58 -15.12 4.88
CA TYR A 70 10.63 -13.68 5.01
C TYR A 70 10.35 -12.88 3.72
N ILE A 71 9.48 -11.89 3.88
CA ILE A 71 9.16 -10.88 2.90
C ILE A 71 8.91 -9.54 3.64
N ASN A 72 9.39 -8.42 3.05
CA ASN A 72 9.16 -7.13 3.67
C ASN A 72 7.75 -6.70 3.27
N ALA A 73 6.76 -7.21 4.01
CA ALA A 73 5.34 -7.02 3.82
C ALA A 73 4.66 -7.15 5.18
N SER A 74 3.65 -6.33 5.39
CA SER A 74 2.95 -6.34 6.66
C SER A 74 1.47 -6.45 6.39
N LEU A 75 0.76 -7.19 7.24
CA LEU A 75 -0.68 -7.25 7.17
C LEU A 75 -1.21 -6.12 8.07
N VAL A 76 -1.90 -5.14 7.50
CA VAL A 76 -2.46 -4.02 8.24
C VAL A 76 -3.98 -4.26 8.38
N ASP A 77 -4.39 -4.65 9.58
CA ASP A 77 -5.78 -5.00 9.89
C ASP A 77 -6.52 -3.89 10.61
N ILE A 78 -7.69 -3.51 10.11
CA ILE A 78 -8.53 -2.52 10.79
C ILE A 78 -9.87 -3.20 11.03
N GLU A 79 -9.99 -3.93 12.16
CA GLU A 79 -11.19 -4.68 12.56
C GLU A 79 -12.49 -3.88 12.41
N GLU A 80 -12.50 -2.64 12.91
CA GLU A 80 -13.64 -1.72 12.91
C GLU A 80 -14.09 -1.38 11.51
N ALA A 81 -13.13 -1.22 10.58
CA ALA A 81 -13.45 -0.92 9.20
C ALA A 81 -13.68 -2.16 8.33
N GLN A 82 -13.54 -3.39 8.89
CA GLN A 82 -13.69 -4.66 8.16
C GLN A 82 -12.74 -4.67 6.94
N ARG A 83 -11.52 -4.18 7.14
CA ARG A 83 -10.58 -4.05 6.05
C ARG A 83 -9.21 -4.46 6.43
N SER A 84 -8.56 -5.24 5.59
CA SER A 84 -7.17 -5.62 5.80
C SER A 84 -6.39 -5.48 4.49
N TYR A 85 -5.18 -5.01 4.59
CA TYR A 85 -4.32 -4.81 3.42
C TYR A 85 -2.99 -5.45 3.68
N ILE A 86 -2.20 -5.64 2.61
CA ILE A 86 -0.82 -6.04 2.77
C ILE A 86 -0.06 -4.84 2.23
N LEU A 87 0.76 -4.19 3.07
CA LEU A 87 1.56 -3.06 2.65
C LEU A 87 2.98 -3.59 2.50
N THR A 88 3.60 -3.40 1.35
CA THR A 88 4.94 -3.95 1.10
C THR A 88 5.85 -2.95 0.38
N GLN A 89 7.16 -3.23 0.40
CA GLN A 89 8.10 -2.43 -0.34
C GLN A 89 7.93 -2.78 -1.83
N GLY A 90 8.49 -1.95 -2.70
CA GLY A 90 8.49 -2.23 -4.12
C GLY A 90 9.51 -3.34 -4.34
N PRO A 91 9.11 -4.45 -4.96
CA PRO A 91 10.03 -5.62 -5.02
C PRO A 91 11.45 -5.38 -5.58
N LEU A 92 12.45 -6.02 -4.98
CA LEU A 92 13.82 -5.96 -5.49
C LEU A 92 13.93 -7.05 -6.57
N PRO A 93 14.92 -6.98 -7.47
CA PRO A 93 15.05 -8.04 -8.51
C PRO A 93 15.06 -9.47 -7.93
N ASN A 94 15.66 -9.66 -6.76
CA ASN A 94 15.75 -10.97 -6.11
C ASN A 94 14.53 -11.32 -5.24
N THR A 95 13.55 -10.41 -5.08
CA THR A 95 12.35 -10.68 -4.29
C THR A 95 11.05 -10.66 -5.12
N CYS A 96 11.13 -10.53 -6.46
CA CYS A 96 9.96 -10.53 -7.35
C CYS A 96 9.21 -11.87 -7.26
N CYS A 97 9.96 -12.97 -7.14
CA CYS A 97 9.42 -14.32 -7.05
C CYS A 97 8.67 -14.49 -5.73
N HIS A 98 9.17 -13.91 -4.62
CA HIS A 98 8.53 -13.96 -3.30
C HIS A 98 7.25 -13.13 -3.29
N PHE A 99 7.29 -11.98 -3.97
CA PHE A 99 6.16 -11.07 -4.08
C PHE A 99 4.98 -11.81 -4.80
N TRP A 100 5.28 -12.52 -5.90
CA TRP A 100 4.23 -13.22 -6.63
C TRP A 100 3.73 -14.45 -5.88
N LEU A 101 4.61 -15.14 -5.15
CA LEU A 101 4.25 -16.25 -4.26
C LEU A 101 3.31 -15.75 -3.14
N MET A 102 3.57 -14.54 -2.62
CA MET A 102 2.74 -13.96 -1.57
C MET A 102 1.38 -13.66 -2.13
N VAL A 103 1.32 -13.00 -3.30
CA VAL A 103 0.05 -12.67 -3.98
C VAL A 103 -0.84 -13.93 -4.14
N TRP A 104 -0.24 -15.05 -4.55
CA TRP A 104 -0.98 -16.29 -4.74
C TRP A 104 -1.48 -16.84 -3.41
N GLN A 105 -0.58 -16.97 -2.44
CA GLN A 105 -0.92 -17.54 -1.15
C GLN A 105 -1.97 -16.77 -0.41
N GLN A 106 -1.91 -15.46 -0.46
CA GLN A 106 -2.87 -14.62 0.22
C GLN A 106 -4.20 -14.46 -0.50
N LYS A 107 -4.33 -15.01 -1.75
CA LYS A 107 -5.51 -14.91 -2.57
C LYS A 107 -5.88 -13.44 -2.91
N THR A 108 -4.85 -12.60 -3.04
CA THR A 108 -4.98 -11.20 -3.44
C THR A 108 -5.60 -11.14 -4.85
N LYS A 109 -6.47 -10.16 -5.08
CA LYS A 109 -7.06 -9.96 -6.39
C LYS A 109 -6.48 -8.71 -7.08
N ALA A 110 -6.10 -7.69 -6.28
CA ALA A 110 -5.53 -6.48 -6.82
C ALA A 110 -4.21 -6.12 -6.20
N VAL A 111 -3.31 -5.60 -7.03
CA VAL A 111 -2.05 -5.02 -6.62
C VAL A 111 -2.19 -3.52 -6.92
N VAL A 112 -2.06 -2.67 -5.89
CA VAL A 112 -2.09 -1.22 -6.01
C VAL A 112 -0.65 -0.70 -5.91
N MET A 113 -0.11 -0.14 -7.01
CA MET A 113 1.23 0.40 -7.14
C MET A 113 1.15 1.94 -7.17
N LEU A 114 1.81 2.63 -6.22
CA LEU A 114 1.70 4.09 -6.11
C LEU A 114 2.97 4.85 -6.47
N ASN A 115 4.02 4.16 -6.95
CA ASN A 115 5.28 4.77 -7.35
C ASN A 115 5.56 4.52 -8.83
N ARG A 116 6.55 5.23 -9.39
CA ARG A 116 7.03 4.91 -10.74
C ARG A 116 8.30 4.07 -10.52
N ILE A 117 8.68 3.23 -11.49
CA ILE A 117 9.93 2.44 -11.40
C ILE A 117 11.16 3.37 -11.12
N VAL A 118 11.25 4.51 -11.85
CA VAL A 118 12.36 5.46 -11.67
C VAL A 118 11.85 6.81 -11.08
N GLU A 119 12.40 7.22 -9.91
CA GLU A 119 12.02 8.49 -9.30
C GLU A 119 13.28 9.24 -8.85
N LYS A 120 13.42 10.52 -9.25
CA LYS A 120 14.54 11.37 -8.87
C LYS A 120 15.91 10.69 -8.94
N GLU A 121 16.21 10.14 -10.12
CA GLU A 121 17.49 9.53 -10.43
C GLU A 121 17.77 8.22 -9.69
N SER A 122 16.74 7.47 -9.33
CA SER A 122 16.95 6.18 -8.67
C SER A 122 15.83 5.19 -8.90
N VAL A 123 16.21 3.94 -8.99
CA VAL A 123 15.27 2.87 -9.16
C VAL A 123 14.65 2.58 -7.82
N LYS A 124 13.34 2.82 -7.77
CA LYS A 124 12.51 2.67 -6.59
C LYS A 124 11.78 1.34 -6.51
N CYS A 125 11.80 0.53 -7.58
CA CYS A 125 11.05 -0.71 -7.68
C CYS A 125 11.57 -1.53 -8.85
N ALA A 126 11.52 -2.87 -8.79
CA ALA A 126 11.89 -3.69 -9.96
C ALA A 126 10.70 -3.76 -10.93
N GLN A 127 10.97 -4.07 -12.20
CA GLN A 127 9.92 -4.27 -13.20
C GLN A 127 9.50 -5.71 -12.98
N TYR A 128 8.53 -5.93 -12.11
CA TYR A 128 8.04 -7.23 -11.70
C TYR A 128 6.84 -7.74 -12.54
N TRP A 129 6.39 -6.97 -13.51
CA TRP A 129 5.31 -7.40 -14.41
C TRP A 129 5.76 -7.08 -15.85
N PRO A 130 5.34 -7.90 -16.84
CA PRO A 130 5.79 -7.65 -18.23
C PRO A 130 5.11 -6.46 -18.86
N THR A 131 5.84 -5.71 -19.65
CA THR A 131 5.29 -4.54 -20.35
C THR A 131 4.84 -4.87 -21.77
N ASP A 132 5.23 -6.03 -22.31
CA ASP A 132 4.87 -6.46 -23.66
C ASP A 132 4.19 -7.87 -23.65
N ASP A 133 4.23 -8.60 -24.76
CA ASP A 133 3.62 -9.93 -24.86
C ASP A 133 4.52 -11.08 -24.40
N GLN A 134 5.70 -10.77 -23.88
CA GLN A 134 6.62 -11.80 -23.38
C GLN A 134 6.21 -12.23 -21.96
N GLU A 135 6.24 -13.52 -21.72
CA GLU A 135 5.90 -14.09 -20.44
C GLU A 135 7.06 -13.89 -19.45
N MET A 136 6.77 -13.31 -18.29
CA MET A 136 7.78 -13.11 -17.25
C MET A 136 7.75 -14.27 -16.25
N LEU A 137 8.82 -15.02 -16.25
CA LEU A 137 9.02 -16.23 -15.48
C LEU A 137 9.79 -16.02 -14.16
N PHE A 138 9.25 -16.58 -13.06
CA PHE A 138 9.81 -16.54 -11.71
C PHE A 138 10.04 -17.97 -11.28
N LYS A 139 11.11 -18.59 -11.80
CA LYS A 139 11.47 -20.00 -11.61
C LYS A 139 11.70 -20.42 -10.16
N GLU A 140 12.14 -19.49 -9.30
CA GLU A 140 12.38 -19.81 -7.89
C GLU A 140 11.12 -20.30 -7.19
N THR A 141 10.00 -19.59 -7.35
CA THR A 141 8.73 -19.92 -6.70
C THR A 141 7.73 -20.65 -7.61
N GLY A 142 8.00 -20.71 -8.90
CA GLY A 142 7.14 -21.41 -9.84
C GLY A 142 5.96 -20.60 -10.34
N PHE A 143 6.21 -19.35 -10.72
CA PHE A 143 5.17 -18.46 -11.22
C PHE A 143 5.51 -17.83 -12.56
N SER A 144 4.47 -17.46 -13.33
CA SER A 144 4.51 -16.84 -14.64
C SER A 144 3.56 -15.66 -14.60
N VAL A 145 3.87 -14.58 -15.29
CA VAL A 145 2.99 -13.43 -15.38
C VAL A 145 2.93 -13.02 -16.83
N LYS A 146 1.74 -12.81 -17.35
CA LYS A 146 1.52 -12.39 -18.72
C LYS A 146 0.63 -11.16 -18.70
N LEU A 147 0.96 -10.12 -19.47
CA LEU A 147 0.13 -8.93 -19.56
C LEU A 147 -1.06 -9.30 -20.49
N LEU A 148 -2.30 -9.12 -20.03
CA LEU A 148 -3.50 -9.44 -20.82
C LEU A 148 -4.05 -8.20 -21.51
N SER A 149 -4.04 -7.07 -20.80
CA SER A 149 -4.54 -5.82 -21.32
C SER A 149 -4.02 -4.63 -20.48
N GLU A 150 -4.16 -3.43 -21.04
CA GLU A 150 -3.67 -2.23 -20.41
C GLU A 150 -4.66 -1.11 -20.68
N ASP A 151 -5.08 -0.40 -19.63
CA ASP A 151 -6.01 0.71 -19.79
C ASP A 151 -5.33 1.97 -19.25
N VAL A 152 -4.79 2.79 -20.14
CA VAL A 152 -4.05 3.99 -19.80
C VAL A 152 -4.92 5.23 -19.65
N LYS A 153 -4.83 5.88 -18.50
CA LYS A 153 -5.51 7.13 -18.20
C LYS A 153 -4.42 8.23 -17.99
N SER A 154 -4.82 9.49 -17.81
CA SER A 154 -3.87 10.59 -17.65
C SER A 154 -2.91 10.47 -16.46
N TYR A 155 -3.42 10.01 -15.33
CA TYR A 155 -2.63 9.91 -14.11
C TYR A 155 -2.53 8.48 -13.53
N TYR A 156 -3.11 7.47 -14.20
CA TYR A 156 -3.00 6.07 -13.76
C TYR A 156 -3.23 5.09 -14.91
N THR A 157 -2.76 3.86 -14.76
CA THR A 157 -2.93 2.81 -15.74
C THR A 157 -3.40 1.56 -15.01
N VAL A 158 -4.30 0.79 -15.59
CA VAL A 158 -4.74 -0.47 -15.00
C VAL A 158 -4.21 -1.55 -15.91
N HIS A 159 -3.38 -2.47 -15.41
CA HIS A 159 -2.93 -3.60 -16.23
C HIS A 159 -3.69 -4.82 -15.75
N LEU A 160 -4.17 -5.66 -16.65
CA LEU A 160 -4.75 -6.93 -16.27
C LEU A 160 -3.67 -7.95 -16.47
N LEU A 161 -3.39 -8.76 -15.44
CA LEU A 161 -2.30 -9.73 -15.53
C LEU A 161 -2.77 -11.14 -15.33
N GLN A 162 -2.14 -12.09 -16.00
CA GLN A 162 -2.46 -13.49 -15.76
C GLN A 162 -1.34 -14.09 -14.94
N LEU A 163 -1.65 -14.52 -13.73
CA LEU A 163 -0.70 -15.07 -12.82
C LEU A 163 -0.85 -16.57 -12.88
N GLU A 164 0.16 -17.25 -13.42
CA GLU A 164 0.16 -18.70 -13.49
C GLU A 164 0.99 -19.31 -12.39
N ASN A 165 0.43 -20.27 -11.68
CA ASN A 165 1.12 -21.07 -10.69
C ASN A 165 1.45 -22.36 -11.46
N ILE A 166 2.69 -22.49 -11.92
CA ILE A 166 3.15 -23.61 -12.75
C ILE A 166 3.11 -24.94 -12.00
N ASN A 167 3.31 -24.91 -10.69
CA ASN A 167 3.30 -26.12 -9.88
C ASN A 167 1.93 -26.76 -9.84
N SER A 168 0.87 -25.95 -9.77
CA SER A 168 -0.50 -26.45 -9.66
C SER A 168 -1.27 -26.44 -10.99
N GLY A 169 -0.78 -25.72 -11.98
CA GLY A 169 -1.46 -25.60 -13.27
C GLY A 169 -2.62 -24.63 -13.27
N GLU A 170 -2.78 -23.84 -12.19
CA GLU A 170 -3.89 -22.89 -12.09
C GLU A 170 -3.45 -21.49 -12.49
N THR A 171 -4.37 -20.67 -13.00
CA THR A 171 -4.08 -19.27 -13.29
C THR A 171 -5.16 -18.41 -12.63
N ARG A 172 -4.84 -17.11 -12.43
CA ARG A 172 -5.74 -16.12 -11.85
C ARG A 172 -5.56 -14.80 -12.57
N THR A 173 -6.61 -13.98 -12.65
CA THR A 173 -6.52 -12.66 -13.28
C THR A 173 -6.33 -11.69 -12.13
N ILE A 174 -5.23 -10.92 -12.17
CA ILE A 174 -4.88 -9.94 -11.16
C ILE A 174 -5.03 -8.53 -11.74
N SER A 175 -5.61 -7.61 -10.98
CA SER A 175 -5.75 -6.23 -11.45
C SER A 175 -4.59 -5.46 -10.88
N HIS A 176 -3.83 -4.79 -11.73
CA HIS A 176 -2.65 -4.05 -11.32
C HIS A 176 -2.95 -2.56 -11.49
N PHE A 177 -3.32 -1.89 -10.39
CA PHE A 177 -3.67 -0.48 -10.41
C PHE A 177 -2.43 0.33 -10.20
N HIS A 178 -1.92 0.92 -11.27
CA HIS A 178 -0.67 1.70 -11.22
C HIS A 178 -0.92 3.23 -11.24
N TYR A 179 -0.86 3.88 -10.07
CA TYR A 179 -1.02 5.33 -9.99
C TYR A 179 0.34 5.86 -10.41
N THR A 180 0.40 6.54 -11.55
CA THR A 180 1.68 6.98 -12.12
C THR A 180 2.09 8.42 -11.83
N THR A 181 1.24 9.25 -11.19
CA THR A 181 1.59 10.66 -10.95
C THR A 181 1.58 11.08 -9.45
N TRP A 182 2.18 10.26 -8.57
CA TRP A 182 2.27 10.56 -7.14
C TRP A 182 3.75 10.53 -6.80
N PRO A 183 4.40 11.71 -6.72
CA PRO A 183 5.85 11.73 -6.51
C PRO A 183 6.31 11.17 -5.17
N ASP A 184 7.59 10.72 -5.10
CA ASP A 184 8.20 10.21 -3.88
C ASP A 184 8.18 11.32 -2.84
N PHE A 185 7.72 11.03 -1.61
CA PHE A 185 7.57 12.00 -0.50
C PHE A 185 6.62 13.16 -0.86
N GLY A 186 5.87 13.03 -1.96
CA GLY A 186 4.94 14.05 -2.42
C GLY A 186 3.49 13.63 -2.28
N VAL A 187 2.60 14.35 -2.98
CA VAL A 187 1.18 14.09 -2.92
C VAL A 187 0.59 13.94 -4.32
N PRO A 188 -0.59 13.31 -4.47
CA PRO A 188 -1.24 13.29 -5.79
C PRO A 188 -1.64 14.72 -6.19
N GLU A 189 -1.78 15.00 -7.49
CA GLU A 189 -2.07 16.37 -7.96
C GLU A 189 -3.39 16.93 -7.50
N SER A 190 -4.29 16.09 -6.99
CA SER A 190 -5.57 16.59 -6.50
C SER A 190 -6.30 15.53 -5.70
N PRO A 191 -7.11 15.95 -4.71
CA PRO A 191 -7.95 14.97 -3.99
C PRO A 191 -8.92 14.24 -4.92
N ALA A 192 -9.40 14.89 -5.98
CA ALA A 192 -10.31 14.26 -6.94
C ALA A 192 -9.65 13.12 -7.74
N SER A 193 -8.42 13.33 -8.23
CA SER A 193 -7.73 12.30 -8.99
C SER A 193 -7.46 11.07 -8.10
N PHE A 194 -6.97 11.30 -6.87
CA PHE A 194 -6.74 10.21 -5.91
C PHE A 194 -8.06 9.48 -5.61
N LEU A 195 -9.14 10.22 -5.38
CA LEU A 195 -10.43 9.62 -5.08
C LEU A 195 -10.99 8.84 -6.23
N ASN A 196 -10.79 9.29 -7.46
CA ASN A 196 -11.26 8.56 -8.64
C ASN A 196 -10.53 7.22 -8.74
N PHE A 197 -9.19 7.22 -8.55
CA PHE A 197 -8.34 6.02 -8.54
C PHE A 197 -8.78 5.09 -7.39
N LEU A 198 -8.98 5.62 -6.18
CA LEU A 198 -9.44 4.84 -5.02
C LEU A 198 -10.78 4.19 -5.33
N PHE A 199 -11.73 4.92 -5.93
CA PHE A 199 -13.05 4.35 -6.24
C PHE A 199 -12.98 3.32 -7.38
N LYS A 200 -11.96 3.39 -8.26
CA LYS A 200 -11.74 2.36 -9.29
C LYS A 200 -11.26 1.03 -8.64
N VAL A 201 -10.37 1.12 -7.65
CA VAL A 201 -9.89 -0.06 -6.94
C VAL A 201 -11.04 -0.71 -6.15
N ARG A 202 -11.89 0.13 -5.52
CA ARG A 202 -13.03 -0.34 -4.74
C ARG A 202 -14.05 -1.01 -5.65
N GLU A 203 -14.38 -0.36 -6.79
CA GLU A 203 -15.34 -0.85 -7.78
C GLU A 203 -15.01 -2.22 -8.33
N SER A 204 -13.77 -2.65 -8.23
CA SER A 204 -13.36 -3.94 -8.73
C SER A 204 -13.64 -5.10 -7.74
N GLY A 205 -13.99 -4.79 -6.50
CA GLY A 205 -14.24 -5.81 -5.48
C GLY A 205 -13.00 -6.30 -4.75
N SER A 206 -11.81 -5.84 -5.17
CA SER A 206 -10.52 -6.25 -4.64
C SER A 206 -10.25 -5.85 -3.18
N LEU A 207 -11.00 -4.88 -2.63
CA LEU A 207 -10.86 -4.51 -1.22
C LEU A 207 -11.95 -5.19 -0.31
N ASN A 208 -12.77 -6.12 -0.88
CA ASN A 208 -13.85 -6.81 -0.14
C ASN A 208 -13.35 -8.08 0.58
N PRO A 209 -14.10 -8.55 1.63
CA PRO A 209 -13.68 -9.75 2.37
C PRO A 209 -13.83 -11.08 1.61
N ASP A 210 -14.56 -11.11 0.49
CA ASP A 210 -14.65 -12.32 -0.35
C ASP A 210 -13.31 -12.61 -1.10
N HIS A 211 -12.38 -11.64 -1.12
CA HIS A 211 -11.05 -11.78 -1.69
C HIS A 211 -10.00 -11.71 -0.55
N GLY A 212 -8.78 -12.10 -0.88
CA GLY A 212 -7.65 -11.92 0.02
C GLY A 212 -7.31 -10.45 0.11
N PRO A 213 -6.42 -10.05 1.03
CA PRO A 213 -6.07 -8.62 1.15
C PRO A 213 -5.39 -8.09 -0.12
N ALA A 214 -5.74 -6.87 -0.52
CA ALA A 214 -5.08 -6.21 -1.64
C ALA A 214 -3.66 -5.84 -1.18
N VAL A 215 -2.69 -5.98 -2.10
CA VAL A 215 -1.29 -5.62 -1.85
C VAL A 215 -1.08 -4.16 -2.30
N ILE A 216 -0.76 -3.26 -1.36
CA ILE A 216 -0.53 -1.84 -1.64
C ILE A 216 0.99 -1.60 -1.51
N HIS A 217 1.62 -1.00 -2.52
CA HIS A 217 3.05 -0.71 -2.44
C HIS A 217 3.41 0.55 -3.19
N CYS A 218 4.43 1.20 -2.68
CA CYS A 218 5.08 2.35 -3.29
C CYS A 218 6.58 1.88 -3.26
N SER A 219 7.59 2.70 -2.84
CA SER A 219 8.98 2.22 -2.81
C SER A 219 9.32 1.56 -1.49
N ALA A 220 9.03 2.24 -0.38
CA ALA A 220 9.27 1.70 0.94
C ALA A 220 8.02 1.01 1.52
N GLY A 221 6.84 1.38 1.06
CA GLY A 221 5.60 0.78 1.52
C GLY A 221 5.04 1.45 2.74
N ILE A 222 5.40 2.74 2.97
CA ILE A 222 4.94 3.45 4.17
C ILE A 222 4.34 4.86 3.88
N GLY A 223 4.98 5.68 3.05
CA GLY A 223 4.49 7.04 2.76
C GLY A 223 3.20 7.11 1.94
N ARG A 224 3.30 6.79 0.64
CA ARG A 224 2.14 6.78 -0.25
C ARG A 224 1.18 5.60 0.06
N SER A 225 1.71 4.41 0.40
CA SER A 225 0.85 3.27 0.77
C SER A 225 0.07 3.60 2.05
N GLY A 226 0.74 4.26 3.00
CA GLY A 226 0.13 4.69 4.27
C GLY A 226 -0.95 5.71 3.99
N THR A 227 -0.65 6.73 3.14
CA THR A 227 -1.68 7.71 2.77
C THR A 227 -2.90 7.05 2.14
N PHE A 228 -2.71 6.14 1.15
CA PHE A 228 -3.79 5.46 0.44
C PHE A 228 -4.65 4.70 1.41
N SER A 229 -4.01 3.88 2.28
CA SER A 229 -4.68 3.06 3.27
C SER A 229 -5.43 3.83 4.34
N LEU A 230 -4.87 4.96 4.83
CA LEU A 230 -5.56 5.77 5.84
C LEU A 230 -6.83 6.36 5.27
N VAL A 231 -6.75 6.90 4.03
CA VAL A 231 -7.91 7.50 3.40
C VAL A 231 -9.02 6.49 3.18
N ASP A 232 -8.65 5.30 2.71
CA ASP A 232 -9.61 4.25 2.48
C ASP A 232 -10.25 3.73 3.78
N THR A 233 -9.46 3.56 4.83
CA THR A 233 -9.96 3.08 6.11
C THR A 233 -10.86 4.11 6.77
N CYS A 234 -10.42 5.38 6.81
CA CYS A 234 -11.22 6.46 7.37
C CYS A 234 -12.53 6.67 6.65
N LEU A 235 -12.58 6.46 5.32
CA LEU A 235 -13.84 6.61 4.58
C LEU A 235 -14.83 5.49 4.91
N VAL A 236 -14.34 4.31 5.34
CA VAL A 236 -15.19 3.20 5.71
C VAL A 236 -15.71 3.42 7.13
N LEU A 237 -14.81 3.80 8.05
CA LEU A 237 -15.18 4.14 9.43
C LEU A 237 -16.20 5.29 9.46
N MET A 238 -16.15 6.21 8.48
CA MET A 238 -17.04 7.35 8.30
C MET A 238 -18.46 6.94 7.97
N GLU A 239 -18.66 5.77 7.32
CA GLU A 239 -19.96 5.28 6.87
C GLU A 239 -20.99 5.09 7.98
N LYS A 240 -20.55 4.94 9.24
CA LYS A 240 -21.49 4.78 10.36
C LYS A 240 -21.96 6.11 10.97
N GLY A 241 -21.69 7.24 10.30
CA GLY A 241 -22.11 8.56 10.76
C GLY A 241 -21.36 9.12 11.96
N ASP A 242 -20.45 8.34 12.50
CA ASP A 242 -19.65 8.70 13.64
C ASP A 242 -18.51 9.66 13.22
N ASP A 243 -17.80 10.15 14.21
CA ASP A 243 -16.62 10.94 14.01
C ASP A 243 -15.43 10.00 14.05
N ILE A 244 -14.32 10.44 13.46
CA ILE A 244 -13.09 9.68 13.49
C ILE A 244 -11.98 10.58 13.98
N ASN A 245 -11.10 10.04 14.83
CA ASN A 245 -9.95 10.78 15.27
C ASN A 245 -8.90 10.28 14.29
N ILE A 246 -8.69 10.99 13.15
CA ILE A 246 -7.77 10.57 12.10
C ILE A 246 -6.37 10.25 12.66
N LYS A 247 -5.93 11.07 13.62
CA LYS A 247 -4.65 10.89 14.32
C LYS A 247 -4.57 9.50 14.96
N GLN A 248 -5.67 9.07 15.63
CA GLN A 248 -5.71 7.80 16.33
C GLN A 248 -5.82 6.61 15.39
N VAL A 249 -6.59 6.74 14.29
CA VAL A 249 -6.68 5.69 13.27
C VAL A 249 -5.30 5.49 12.63
N LEU A 250 -4.55 6.59 12.38
CA LEU A 250 -3.21 6.50 11.84
C LEU A 250 -2.26 5.89 12.86
N LEU A 251 -2.37 6.29 14.14
CA LEU A 251 -1.52 5.72 15.19
C LEU A 251 -1.78 4.21 15.31
N ASN A 252 -3.05 3.78 15.15
CA ASN A 252 -3.43 2.38 15.21
C ASN A 252 -2.86 1.61 14.03
N MET A 253 -2.92 2.20 12.82
CA MET A 253 -2.35 1.62 11.60
C MET A 253 -0.85 1.50 11.69
N ARG A 254 -0.18 2.48 12.33
CA ARG A 254 1.26 2.44 12.55
C ARG A 254 1.72 1.31 13.48
N LYS A 255 0.77 0.62 14.15
CA LYS A 255 1.10 -0.53 14.99
C LYS A 255 1.29 -1.81 14.15
N TYR A 256 0.85 -1.81 12.88
CA TYR A 256 1.01 -2.93 11.94
C TYR A 256 2.23 -2.71 11.05
N ARG A 257 2.49 -1.45 10.66
CA ARG A 257 3.67 -1.15 9.86
C ARG A 257 4.20 0.21 10.27
N MET A 258 5.52 0.32 10.46
CA MET A 258 6.16 1.54 10.90
C MET A 258 6.10 2.69 9.89
N GLY A 259 6.15 3.91 10.42
CA GLY A 259 6.24 5.13 9.64
C GLY A 259 5.20 5.43 8.59
N LEU A 260 3.97 4.89 8.72
CA LEU A 260 2.89 5.18 7.75
C LEU A 260 2.61 6.67 7.64
N ILE A 261 2.71 7.23 6.41
CA ILE A 261 2.63 8.67 6.08
C ILE A 261 3.95 9.30 6.49
N GLN A 262 4.70 9.78 5.50
CA GLN A 262 6.06 10.22 5.73
C GLN A 262 6.27 11.73 5.81
N THR A 263 5.29 12.55 5.40
CA THR A 263 5.45 14.01 5.46
C THR A 263 4.19 14.65 6.05
N PRO A 264 4.27 15.88 6.60
CA PRO A 264 3.05 16.52 7.12
C PRO A 264 2.11 16.91 5.98
N ASP A 265 2.64 17.15 4.75
CA ASP A 265 1.80 17.46 3.59
C ASP A 265 1.00 16.20 3.12
N GLN A 266 1.55 15.00 3.33
CA GLN A 266 0.83 13.76 3.04
C GLN A 266 -0.30 13.54 4.05
N LEU A 267 -0.10 13.99 5.32
CA LEU A 267 -1.10 13.97 6.39
C LEU A 267 -2.20 14.98 6.07
N ARG A 268 -1.82 16.19 5.62
CA ARG A 268 -2.78 17.21 5.18
C ARG A 268 -3.59 16.70 3.98
N PHE A 269 -2.93 16.07 3.01
CA PHE A 269 -3.61 15.50 1.84
C PHE A 269 -4.63 14.44 2.29
N SER A 270 -4.28 13.59 3.26
CA SER A 270 -5.16 12.55 3.77
C SER A 270 -6.44 13.13 4.32
N TYR A 271 -6.33 14.27 5.03
CA TYR A 271 -7.49 15.00 5.57
C TYR A 271 -8.37 15.58 4.44
N MET A 272 -7.77 16.25 3.43
CA MET A 272 -8.53 16.82 2.31
C MET A 272 -9.26 15.74 1.55
N ALA A 273 -8.58 14.60 1.32
CA ALA A 273 -9.18 13.50 0.57
C ALA A 273 -10.30 12.83 1.34
N ILE A 274 -10.16 12.67 2.66
CA ILE A 274 -11.21 12.08 3.50
C ILE A 274 -12.45 13.01 3.51
N ILE A 275 -12.23 14.35 3.60
CA ILE A 275 -13.28 15.36 3.59
C ILE A 275 -14.06 15.35 2.28
N GLU A 276 -13.35 15.39 1.14
CA GLU A 276 -13.99 15.34 -0.17
C GLU A 276 -14.62 14.00 -0.48
N GLY A 277 -14.05 12.93 0.06
CA GLY A 277 -14.55 11.58 -0.13
C GLY A 277 -15.92 11.43 0.50
N ALA A 278 -16.05 11.89 1.74
CA ALA A 278 -17.32 11.83 2.43
C ALA A 278 -18.21 12.99 1.95
N LYS A 279 -18.70 12.90 0.70
CA LYS A 279 -19.52 13.90 0.02
C LYS A 279 -20.16 13.32 -1.24
N1 M5R B . 8.79 6.83 0.49
C4 M5R B . 12.32 6.40 7.32
C5 M5R B . 12.98 5.72 4.93
C6 M5R B . 14.11 6.15 4.00
C7 M5R B . 13.92 5.53 2.63
C8 M5R B . 12.55 5.84 2.06
C10 M5R B . 11.15 6.23 0.12
C13 M5R B . 6.84 8.14 0.06
C15 M5R B . 11.48 6.14 2.92
F M5R B . 9.18 6.65 3.12
C14 M5R B . 10.26 6.45 2.34
C11 M5R B . 10.08 6.53 0.97
S M5R B . 7.64 5.72 0.03
O2 M5R B . 7.32 4.89 1.15
O3 M5R B . 8.05 5.07 -1.18
N2 M5R B . 6.49 6.84 -0.23
O1 M5R B . 6.09 9.08 -0.19
C12 M5R B . 8.25 8.21 0.59
O M5R B . 11.02 6.25 -1.24
C9 M5R B . 12.37 5.88 0.69
C16 M5R B . 11.65 6.26 4.41
N M5R B . 13.34 6.25 6.26
C3 M5R B . 11.99 5.07 7.95
C1 M5R B . 10.89 5.21 8.99
C2 M5R B . 10.14 3.92 9.19
C M5R B . 11.48 5.68 10.30
#